data_1T08
#
_entry.id   1T08
#
_cell.length_a   96.472
_cell.length_b   96.712
_cell.length_c   86.395
_cell.angle_alpha   90.00
_cell.angle_beta   90.00
_cell.angle_gamma   90.00
#
_symmetry.space_group_name_H-M   'P 21 21 2'
#
loop_
_entity.id
_entity.type
_entity.pdbx_description
1 polymer Beta-catenin
2 polymer 'Beta-catenin-interacting protein 1'
3 polymer 'Adenomatous polyposis coli protein'
4 water water
#
loop_
_entity_poly.entity_id
_entity_poly.type
_entity_poly.pdbx_seq_one_letter_code
_entity_poly.pdbx_strand_id
1 'polypeptide(L)'
;AELATRAIPELTKLLNDEDQVVVNKAAVMVHQLSKKEASRHAIMRSPQMVSAIVRTMQNTNDVETARCTAGTLHNLSHHR
EGLLAIFKSGGIPALVKMLGSPVDSVLFYAITTLHNLLLHQEGAKMAVRLAGGLQKMVALLNKTNVKFLAITTDCLQILA
YGNQESKLIILASGGPQALVNIMRTYTYEKLLWTTSRVLKVLSVCSSNKPAIVEAGGMQALGLHLTDPSQRLVQNCLWTL
RNLSDAATKQEGMEGLLGTLVQLLGSDDINVVTCAAGILSNLTCNNYKNKMMVCQVGGIEALVRTVLRAGDREDITEPAI
CALRHLTSRHQEAEMAQNAVRLHYGLPVVVKLLHPPSHWPLIKATVGLIRNLALCPANHAPLREQGAIPRLVQLLVRAHQ
DTQRRTSMGGTQQQFVEGVRMEEIVEGCTGALHILARDVHNRIVIRGLNTIPLFVQLLYSPIENIQRVAAGVLCELAQDK
EAAEAIEAEGATAPLTELLHSRNEGVATYAAAVLFRMSE
;
A
2 'polypeptide(L)' GKSPEEMYIQQKVRVLLMLRKMGSNLTASEEEFLRTYAGVVNSQLS B
3 'polypeptide(L)' DADTLLHFATESTPD C
#
# COMPACT_ATOMS: atom_id res chain seq x y z
N ALA A 1 -11.68 15.54 58.26
CA ALA A 1 -11.58 14.77 59.54
C ALA A 1 -10.19 14.94 60.15
N GLU A 2 -9.79 13.96 60.96
CA GLU A 2 -8.48 13.99 61.60
C GLU A 2 -7.41 13.64 60.58
N LEU A 3 -7.87 13.20 59.40
CA LEU A 3 -7.00 12.82 58.30
C LEU A 3 -6.12 13.99 57.87
N ALA A 4 -6.76 15.11 57.55
CA ALA A 4 -6.06 16.31 57.11
C ALA A 4 -5.20 16.95 58.18
N THR A 5 -5.78 17.18 59.35
CA THR A 5 -5.06 17.82 60.44
C THR A 5 -3.99 17.01 61.18
N ARG A 6 -4.19 15.69 61.28
CA ARG A 6 -3.24 14.86 62.02
C ARG A 6 -2.57 13.74 61.20
N ALA A 7 -3.40 12.84 60.69
CA ALA A 7 -2.95 11.68 59.93
C ALA A 7 -1.93 11.98 58.84
N ILE A 8 -2.39 12.61 57.76
CA ILE A 8 -1.52 12.93 56.63
C ILE A 8 -0.23 13.63 57.05
N PRO A 9 -0.32 14.77 57.77
CA PRO A 9 0.90 15.46 58.18
C PRO A 9 1.88 14.60 58.98
N GLU A 10 1.37 13.76 59.86
CA GLU A 10 2.25 12.88 60.64
C GLU A 10 2.96 11.89 59.74
N LEU A 11 2.19 11.21 58.89
CA LEU A 11 2.75 10.22 57.98
C LEU A 11 3.77 10.84 57.03
N THR A 12 3.43 12.01 56.47
CA THR A 12 4.35 12.67 55.54
C THR A 12 5.66 13.04 56.24
N LYS A 13 5.62 13.21 57.55
CA LYS A 13 6.83 13.55 58.29
C LYS A 13 7.66 12.27 58.47
N LEU A 14 6.95 11.17 58.75
CA LEU A 14 7.60 9.88 58.94
C LEU A 14 8.30 9.40 57.67
N LEU A 15 7.74 9.73 56.51
CA LEU A 15 8.34 9.32 55.25
C LEU A 15 9.66 10.03 54.96
N ASN A 16 9.99 11.03 55.76
CA ASN A 16 11.22 11.77 55.57
C ASN A 16 12.24 11.48 56.67
N ASP A 17 11.83 10.66 57.63
CA ASP A 17 12.69 10.29 58.75
C ASP A 17 13.96 9.59 58.26
N GLU A 18 15.07 9.81 58.97
CA GLU A 18 16.35 9.22 58.61
C GLU A 18 16.38 7.70 58.68
N ASP A 19 15.89 7.15 59.79
CA ASP A 19 15.86 5.71 59.95
C ASP A 19 14.81 5.15 58.99
N GLN A 20 15.24 4.87 57.76
CA GLN A 20 14.34 4.36 56.73
C GLN A 20 13.46 3.23 57.24
N VAL A 21 13.83 2.63 58.35
CA VAL A 21 13.05 1.54 58.91
C VAL A 21 11.66 2.09 59.26
N VAL A 22 11.62 3.31 59.79
CA VAL A 22 10.36 3.94 60.14
C VAL A 22 9.67 4.43 58.87
N VAL A 23 10.44 4.46 57.79
CA VAL A 23 9.92 4.89 56.50
C VAL A 23 9.13 3.76 55.84
N ASN A 24 9.79 2.63 55.64
CA ASN A 24 9.15 1.47 55.03
C ASN A 24 7.82 1.24 55.73
N LYS A 25 7.78 1.58 57.00
CA LYS A 25 6.60 1.43 57.83
C LYS A 25 5.54 2.46 57.45
N ALA A 26 5.98 3.71 57.30
CA ALA A 26 5.08 4.80 56.92
C ALA A 26 4.57 4.54 55.52
N ALA A 27 5.47 4.11 54.64
CA ALA A 27 5.11 3.81 53.25
C ALA A 27 3.94 2.84 53.27
N VAL A 28 4.10 1.75 54.00
CA VAL A 28 3.05 0.74 54.10
C VAL A 28 1.72 1.37 54.53
N MET A 29 1.75 2.13 55.62
CA MET A 29 0.56 2.78 56.15
C MET A 29 -0.13 3.67 55.12
N VAL A 30 0.63 4.53 54.46
CA VAL A 30 0.07 5.43 53.45
C VAL A 30 -0.59 4.63 52.34
N HIS A 31 0.07 3.55 51.93
CA HIS A 31 -0.46 2.70 50.88
C HIS A 31 -1.84 2.19 51.25
N GLN A 32 -2.00 1.80 52.52
CA GLN A 32 -3.27 1.29 53.00
C GLN A 32 -4.34 2.37 52.94
N LEU A 33 -4.01 3.57 53.41
CA LEU A 33 -4.97 4.67 53.40
C LEU A 33 -5.38 5.03 51.97
N SER A 34 -4.47 4.88 51.02
CA SER A 34 -4.79 5.21 49.64
C SER A 34 -5.85 4.25 49.11
N LYS A 35 -5.93 3.07 49.72
CA LYS A 35 -6.90 2.06 49.29
C LYS A 35 -8.33 2.41 49.66
N LYS A 36 -8.49 3.38 50.56
CA LYS A 36 -9.83 3.81 50.98
C LYS A 36 -10.06 5.24 50.51
N GLU A 37 -11.22 5.48 49.90
CA GLU A 37 -11.56 6.79 49.36
C GLU A 37 -11.26 7.99 50.26
N ALA A 38 -11.88 8.03 51.43
CA ALA A 38 -11.70 9.13 52.36
C ALA A 38 -10.23 9.53 52.51
N SER A 39 -9.41 8.59 52.93
CA SER A 39 -7.98 8.87 53.12
C SER A 39 -7.20 9.07 51.83
N ARG A 40 -7.74 8.59 50.71
CA ARG A 40 -7.04 8.75 49.43
C ARG A 40 -7.12 10.22 49.02
N HIS A 41 -8.27 10.83 49.26
CA HIS A 41 -8.46 12.24 48.92
C HIS A 41 -7.61 13.11 49.82
N ALA A 42 -7.46 12.69 51.07
CA ALA A 42 -6.64 13.44 52.02
C ALA A 42 -5.21 13.44 51.54
N ILE A 43 -4.78 12.30 50.99
CA ILE A 43 -3.42 12.16 50.49
C ILE A 43 -3.19 13.02 49.23
N MET A 44 -4.10 12.92 48.26
CA MET A 44 -3.91 13.69 47.04
C MET A 44 -4.03 15.19 47.22
N ARG A 45 -4.68 15.62 48.31
CA ARG A 45 -4.83 17.05 48.56
C ARG A 45 -3.69 17.62 49.40
N SER A 46 -2.68 16.80 49.64
CA SER A 46 -1.52 17.22 50.42
C SER A 46 -0.26 17.18 49.57
N PRO A 47 0.12 18.32 48.99
CA PRO A 47 1.32 18.41 48.14
C PRO A 47 2.56 17.87 48.86
N GLN A 48 2.65 18.10 50.16
CA GLN A 48 3.78 17.63 50.94
C GLN A 48 3.78 16.11 50.99
N MET A 49 2.59 15.55 51.17
CA MET A 49 2.42 14.10 51.23
C MET A 49 2.82 13.50 49.88
N VAL A 50 2.16 13.93 48.82
CA VAL A 50 2.46 13.42 47.49
C VAL A 50 3.95 13.53 47.16
N SER A 51 4.56 14.65 47.55
CA SER A 51 5.99 14.83 47.29
C SER A 51 6.83 13.82 48.06
N ALA A 52 6.48 13.60 49.32
CA ALA A 52 7.22 12.67 50.15
C ALA A 52 7.12 11.26 49.58
N ILE A 53 5.96 10.95 49.01
CA ILE A 53 5.74 9.62 48.42
C ILE A 53 6.62 9.44 47.19
N VAL A 54 6.65 10.45 46.31
CA VAL A 54 7.47 10.40 45.11
C VAL A 54 8.95 10.27 45.48
N ARG A 55 9.41 11.18 46.33
CA ARG A 55 10.79 11.19 46.77
C ARG A 55 11.19 9.81 47.33
N THR A 56 10.38 9.31 48.26
CA THR A 56 10.65 8.01 48.88
C THR A 56 10.73 6.89 47.84
N MET A 57 9.75 6.83 46.95
CA MET A 57 9.71 5.81 45.93
C MET A 57 10.99 5.71 45.10
N GLN A 58 11.47 6.85 44.62
CA GLN A 58 12.68 6.86 43.79
C GLN A 58 14.00 6.86 44.54
N ASN A 59 13.95 6.74 45.86
CA ASN A 59 15.18 6.73 46.66
C ASN A 59 15.28 5.47 47.52
N THR A 60 14.14 4.89 47.84
CA THR A 60 14.11 3.69 48.67
C THR A 60 15.03 2.60 48.09
N ASN A 61 15.32 1.62 48.92
CA ASN A 61 16.15 0.49 48.53
C ASN A 61 15.46 -0.74 49.10
N ASP A 62 14.28 -0.49 49.66
CA ASP A 62 13.46 -1.53 50.25
C ASP A 62 12.26 -1.79 49.33
N VAL A 63 12.32 -2.92 48.62
CA VAL A 63 11.26 -3.30 47.68
C VAL A 63 9.84 -3.06 48.18
N GLU A 64 9.53 -3.53 49.38
CA GLU A 64 8.20 -3.37 49.95
C GLU A 64 7.77 -1.91 49.96
N THR A 65 8.73 -1.02 50.14
CA THR A 65 8.45 0.40 50.17
C THR A 65 8.27 0.91 48.75
N ALA A 66 9.19 0.53 47.86
CA ALA A 66 9.10 0.95 46.47
C ALA A 66 7.74 0.57 45.92
N ARG A 67 7.29 -0.64 46.24
CA ARG A 67 6.00 -1.11 45.77
C ARG A 67 4.82 -0.37 46.38
N CYS A 68 4.89 -0.09 47.68
CA CYS A 68 3.81 0.62 48.36
C CYS A 68 3.66 2.05 47.90
N THR A 69 4.78 2.76 47.73
CA THR A 69 4.73 4.14 47.29
C THR A 69 4.24 4.22 45.84
N ALA A 70 4.73 3.33 44.99
CA ALA A 70 4.31 3.31 43.59
C ALA A 70 2.83 2.97 43.51
N GLY A 71 2.41 1.98 44.30
CA GLY A 71 1.02 1.58 44.30
C GLY A 71 0.14 2.73 44.77
N THR A 72 0.65 3.53 45.70
CA THR A 72 -0.09 4.68 46.22
C THR A 72 -0.34 5.65 45.09
N LEU A 73 0.71 5.99 44.36
CA LEU A 73 0.60 6.91 43.23
C LEU A 73 -0.37 6.34 42.22
N HIS A 74 -0.34 5.03 42.05
CA HIS A 74 -1.23 4.35 41.11
C HIS A 74 -2.68 4.59 41.50
N ASN A 75 -3.01 4.39 42.77
CA ASN A 75 -4.37 4.59 43.25
C ASN A 75 -4.80 6.06 43.13
N LEU A 76 -3.85 6.98 43.30
CA LEU A 76 -4.16 8.41 43.19
C LEU A 76 -4.45 8.82 41.74
N SER A 77 -3.75 8.19 40.79
CA SER A 77 -3.92 8.52 39.37
C SER A 77 -5.32 8.25 38.84
N HIS A 78 -6.14 7.58 39.63
CA HIS A 78 -7.51 7.28 39.25
C HIS A 78 -8.35 8.56 39.27
N HIS A 79 -7.92 9.52 40.10
CA HIS A 79 -8.62 10.79 40.25
C HIS A 79 -7.94 11.97 39.56
N ARG A 80 -8.74 12.94 39.12
CA ARG A 80 -8.21 14.13 38.46
C ARG A 80 -7.21 14.87 39.35
N GLU A 81 -7.60 15.15 40.60
CA GLU A 81 -6.74 15.84 41.54
C GLU A 81 -5.47 15.03 41.79
N GLY A 82 -5.58 13.70 41.73
CA GLY A 82 -4.42 12.87 41.95
C GLY A 82 -3.46 12.98 40.79
N LEU A 83 -4.00 12.96 39.57
CA LEU A 83 -3.17 13.08 38.37
C LEU A 83 -2.39 14.40 38.41
N LEU A 84 -3.06 15.47 38.79
CA LEU A 84 -2.41 16.79 38.84
C LEU A 84 -1.31 16.87 39.91
N ALA A 85 -1.59 16.32 41.10
CA ALA A 85 -0.63 16.37 42.20
C ALA A 85 0.64 15.60 41.88
N ILE A 86 0.47 14.43 41.26
CA ILE A 86 1.62 13.61 40.88
C ILE A 86 2.40 14.44 39.87
N PHE A 87 1.69 15.00 38.90
CA PHE A 87 2.31 15.80 37.85
C PHE A 87 3.12 16.96 38.42
N LYS A 88 2.51 17.74 39.32
CA LYS A 88 3.18 18.88 39.93
C LYS A 88 4.29 18.49 40.89
N SER A 89 4.20 17.30 41.48
CA SER A 89 5.23 16.82 42.42
C SER A 89 6.44 16.24 41.70
N GLY A 90 6.47 16.37 40.38
CA GLY A 90 7.59 15.83 39.62
C GLY A 90 7.53 14.31 39.57
N GLY A 91 6.31 13.79 39.60
CA GLY A 91 6.12 12.35 39.58
C GLY A 91 6.51 11.64 38.29
N ILE A 92 6.34 12.31 37.15
CA ILE A 92 6.68 11.68 35.88
C ILE A 92 8.16 11.29 35.83
N PRO A 93 9.08 12.24 36.08
CA PRO A 93 10.50 11.87 36.04
C PRO A 93 10.78 10.69 36.98
N ALA A 94 10.13 10.70 38.15
CA ALA A 94 10.31 9.64 39.12
C ALA A 94 9.79 8.31 38.59
N LEU A 95 8.55 8.31 38.11
CA LEU A 95 7.94 7.09 37.58
C LEU A 95 8.78 6.47 36.46
N VAL A 96 9.23 7.30 35.53
CA VAL A 96 10.04 6.83 34.42
C VAL A 96 11.29 6.13 34.94
N LYS A 97 11.90 6.69 35.98
CA LYS A 97 13.08 6.09 36.55
C LYS A 97 12.72 4.72 37.11
N MET A 98 11.49 4.58 37.60
CA MET A 98 11.05 3.32 38.17
C MET A 98 10.86 2.22 37.12
N LEU A 99 10.91 2.58 35.84
CA LEU A 99 10.77 1.60 34.77
C LEU A 99 12.05 0.79 34.62
N GLY A 100 13.04 1.10 35.46
CA GLY A 100 14.30 0.38 35.44
C GLY A 100 14.35 -0.57 36.61
N SER A 101 13.27 -0.57 37.38
CA SER A 101 13.14 -1.41 38.56
C SER A 101 13.13 -2.91 38.23
N PRO A 102 13.77 -3.73 39.09
CA PRO A 102 13.84 -5.18 38.92
C PRO A 102 12.60 -5.87 39.47
N VAL A 103 11.77 -5.11 40.19
CA VAL A 103 10.55 -5.66 40.79
C VAL A 103 9.35 -5.47 39.87
N ASP A 104 8.77 -6.59 39.44
CA ASP A 104 7.61 -6.55 38.54
C ASP A 104 6.43 -5.76 39.07
N SER A 105 6.13 -5.89 40.37
CA SER A 105 5.01 -5.17 40.96
C SER A 105 5.23 -3.65 40.82
N VAL A 106 6.48 -3.23 40.91
CA VAL A 106 6.81 -1.81 40.79
C VAL A 106 6.66 -1.32 39.36
N LEU A 107 7.11 -2.13 38.40
CA LEU A 107 7.02 -1.76 36.99
C LEU A 107 5.56 -1.64 36.56
N PHE A 108 4.71 -2.53 37.05
CA PHE A 108 3.30 -2.50 36.70
C PHE A 108 2.64 -1.23 37.21
N TYR A 109 2.95 -0.86 38.46
CA TYR A 109 2.38 0.34 39.06
C TYR A 109 2.86 1.57 38.33
N ALA A 110 4.16 1.61 38.05
CA ALA A 110 4.74 2.75 37.36
C ALA A 110 4.15 2.93 35.96
N ILE A 111 4.15 1.86 35.17
CA ILE A 111 3.65 1.97 33.80
C ILE A 111 2.16 2.32 33.73
N THR A 112 1.35 1.74 34.61
CA THR A 112 -0.09 2.04 34.60
C THR A 112 -0.35 3.48 35.04
N THR A 113 0.42 3.95 36.02
CA THR A 113 0.26 5.32 36.49
C THR A 113 0.61 6.28 35.37
N LEU A 114 1.68 5.96 34.63
CA LEU A 114 2.12 6.78 33.49
C LEU A 114 1.07 6.75 32.39
N HIS A 115 0.49 5.57 32.18
CA HIS A 115 -0.54 5.41 31.17
C HIS A 115 -1.72 6.35 31.49
N ASN A 116 -2.10 6.39 32.77
CA ASN A 116 -3.19 7.26 33.20
C ASN A 116 -2.85 8.73 32.99
N LEU A 117 -1.60 9.09 33.24
CA LEU A 117 -1.15 10.46 33.05
C LEU A 117 -1.17 10.79 31.55
N LEU A 118 -0.62 9.89 30.74
CA LEU A 118 -0.58 10.09 29.30
C LEU A 118 -1.98 10.21 28.71
N LEU A 119 -2.92 9.45 29.27
CA LEU A 119 -4.30 9.48 28.80
C LEU A 119 -5.07 10.74 29.21
N HIS A 120 -4.87 11.21 30.45
CA HIS A 120 -5.65 12.34 30.94
C HIS A 120 -4.95 13.62 31.42
N GLN A 121 -3.67 13.53 31.78
CA GLN A 121 -2.97 14.70 32.29
C GLN A 121 -2.28 15.58 31.25
N GLU A 122 -2.80 16.79 31.08
CA GLU A 122 -2.25 17.76 30.14
C GLU A 122 -0.79 17.98 30.49
N GLY A 123 0.07 17.96 29.47
CA GLY A 123 1.50 18.13 29.69
C GLY A 123 2.27 16.84 29.92
N ALA A 124 1.56 15.73 30.12
CA ALA A 124 2.19 14.44 30.38
C ALA A 124 3.09 13.94 29.26
N LYS A 125 2.63 14.00 28.01
CA LYS A 125 3.45 13.51 26.91
C LYS A 125 4.83 14.15 26.82
N MET A 126 4.90 15.46 26.96
CA MET A 126 6.18 16.16 26.90
C MET A 126 7.08 15.71 28.04
N ALA A 127 6.53 15.67 29.24
CA ALA A 127 7.29 15.27 30.40
C ALA A 127 7.87 13.88 30.25
N VAL A 128 7.08 12.93 29.74
CA VAL A 128 7.57 11.57 29.55
C VAL A 128 8.66 11.52 28.51
N ARG A 129 8.48 12.26 27.42
CA ARG A 129 9.49 12.30 26.36
C ARG A 129 10.79 12.86 26.92
N LEU A 130 10.69 13.96 27.65
CA LEU A 130 11.88 14.60 28.22
C LEU A 130 12.59 13.72 29.24
N ALA A 131 11.86 12.87 29.95
CA ALA A 131 12.48 12.01 30.94
C ALA A 131 13.10 10.78 30.28
N GLY A 132 12.96 10.68 28.97
CA GLY A 132 13.51 9.53 28.26
C GLY A 132 12.64 8.30 28.41
N GLY A 133 11.34 8.52 28.54
CA GLY A 133 10.40 7.42 28.70
C GLY A 133 10.25 6.53 27.48
N LEU A 134 10.41 7.11 26.29
CA LEU A 134 10.28 6.31 25.06
C LEU A 134 11.31 5.18 25.00
N GLN A 135 12.55 5.50 25.34
CA GLN A 135 13.64 4.52 25.31
C GLN A 135 13.44 3.43 26.36
N LYS A 136 12.95 3.84 27.53
CA LYS A 136 12.70 2.91 28.63
C LYS A 136 11.58 1.94 28.28
N MET A 137 10.50 2.46 27.71
CA MET A 137 9.36 1.66 27.33
C MET A 137 9.69 0.65 26.25
N VAL A 138 10.41 1.09 25.22
CA VAL A 138 10.77 0.19 24.14
C VAL A 138 11.64 -0.94 24.67
N ALA A 139 12.53 -0.62 25.60
CA ALA A 139 13.43 -1.60 26.18
C ALA A 139 12.66 -2.62 27.03
N LEU A 140 11.47 -2.24 27.49
CA LEU A 140 10.65 -3.14 28.30
C LEU A 140 9.83 -4.13 27.47
N LEU A 141 9.81 -3.93 26.16
CA LEU A 141 9.04 -4.81 25.28
C LEU A 141 9.55 -6.24 25.19
N ASN A 142 10.62 -6.55 25.94
CA ASN A 142 11.13 -7.92 25.96
C ASN A 142 10.54 -8.71 27.13
N LYS A 143 9.73 -8.06 27.95
CA LYS A 143 9.07 -8.74 29.07
C LYS A 143 8.02 -9.69 28.48
N THR A 144 7.45 -10.57 29.29
CA THR A 144 6.46 -11.52 28.77
C THR A 144 5.04 -11.40 29.32
N ASN A 145 4.85 -10.62 30.38
CA ASN A 145 3.52 -10.44 30.95
C ASN A 145 2.72 -9.67 29.89
N VAL A 146 1.69 -10.30 29.34
CA VAL A 146 0.92 -9.65 28.28
C VAL A 146 0.09 -8.44 28.67
N LYS A 147 -0.40 -8.37 29.91
CA LYS A 147 -1.17 -7.20 30.30
C LYS A 147 -0.21 -6.04 30.48
N PHE A 148 0.98 -6.32 30.99
CA PHE A 148 2.00 -5.29 31.17
C PHE A 148 2.40 -4.76 29.79
N LEU A 149 2.59 -5.68 28.84
CA LEU A 149 2.99 -5.29 27.49
C LEU A 149 1.89 -4.47 26.82
N ALA A 150 0.64 -4.84 27.07
CA ALA A 150 -0.48 -4.14 26.48
C ALA A 150 -0.51 -2.68 26.92
N ILE A 151 -0.17 -2.42 28.18
CA ILE A 151 -0.17 -1.06 28.69
C ILE A 151 1.02 -0.28 28.12
N THR A 152 2.18 -0.93 28.15
CA THR A 152 3.40 -0.30 27.64
C THR A 152 3.23 0.07 26.16
N THR A 153 2.76 -0.87 25.34
CA THR A 153 2.58 -0.57 23.93
C THR A 153 1.58 0.57 23.73
N ASP A 154 0.52 0.62 24.54
CA ASP A 154 -0.44 1.68 24.37
C ASP A 154 0.22 3.02 24.72
N CYS A 155 1.10 3.03 25.72
CA CYS A 155 1.79 4.26 26.09
C CYS A 155 2.58 4.76 24.87
N LEU A 156 3.29 3.84 24.20
CA LEU A 156 4.06 4.20 23.02
C LEU A 156 3.15 4.78 21.92
N GLN A 157 1.96 4.21 21.78
CA GLN A 157 1.03 4.69 20.76
C GLN A 157 0.63 6.12 21.06
N ILE A 158 0.27 6.38 22.31
CA ILE A 158 -0.14 7.71 22.73
C ILE A 158 0.98 8.72 22.49
N LEU A 159 2.20 8.32 22.82
CA LEU A 159 3.36 9.18 22.65
C LEU A 159 3.80 9.37 21.20
N ALA A 160 3.59 8.36 20.36
CA ALA A 160 4.01 8.44 18.96
C ALA A 160 3.00 9.09 18.03
N TYR A 161 1.72 9.01 18.37
CA TYR A 161 0.70 9.58 17.50
C TYR A 161 0.98 11.02 17.07
N GLY A 162 1.10 11.22 15.76
CA GLY A 162 1.33 12.55 15.22
C GLY A 162 2.57 13.26 15.72
N ASN A 163 3.59 12.52 16.14
CA ASN A 163 4.80 13.13 16.66
C ASN A 163 6.04 12.47 16.05
N GLN A 164 6.52 13.04 14.95
CA GLN A 164 7.67 12.52 14.23
C GLN A 164 8.87 12.25 15.11
N GLU A 165 9.26 13.25 15.89
CA GLU A 165 10.39 13.14 16.80
C GLU A 165 10.31 11.86 17.62
N SER A 166 9.13 11.57 18.15
CA SER A 166 8.93 10.38 18.96
C SER A 166 9.04 9.10 18.13
N LYS A 167 8.51 9.14 16.92
CA LYS A 167 8.56 7.99 16.03
C LYS A 167 10.00 7.62 15.72
N LEU A 168 10.85 8.62 15.53
CA LEU A 168 12.27 8.39 15.23
C LEU A 168 13.04 7.82 16.41
N ILE A 169 12.66 8.23 17.62
CA ILE A 169 13.32 7.74 18.82
C ILE A 169 12.94 6.27 19.04
N ILE A 170 11.69 5.95 18.76
CA ILE A 170 11.21 4.58 18.90
C ILE A 170 11.99 3.75 17.89
N LEU A 171 12.17 4.29 16.69
CA LEU A 171 12.91 3.60 15.65
C LEU A 171 14.35 3.36 16.10
N ALA A 172 15.00 4.41 16.59
CA ALA A 172 16.38 4.29 17.03
C ALA A 172 16.54 3.32 18.20
N SER A 173 15.47 3.11 18.97
CA SER A 173 15.52 2.20 20.11
C SER A 173 15.17 0.75 19.75
N GLY A 174 14.99 0.48 18.47
CA GLY A 174 14.65 -0.87 18.04
C GLY A 174 13.17 -1.19 18.16
N GLY A 175 12.34 -0.15 18.18
CA GLY A 175 10.90 -0.34 18.28
C GLY A 175 10.31 -1.29 17.26
N PRO A 176 10.54 -1.04 15.96
CA PRO A 176 10.02 -1.89 14.89
C PRO A 176 10.20 -3.39 15.11
N GLN A 177 11.43 -3.81 15.36
CA GLN A 177 11.69 -5.23 15.59
C GLN A 177 10.99 -5.72 16.86
N ALA A 178 11.03 -4.92 17.93
CA ALA A 178 10.39 -5.35 19.19
C ALA A 178 8.87 -5.52 19.04
N LEU A 179 8.24 -4.60 18.30
CA LEU A 179 6.81 -4.64 18.08
C LEU A 179 6.43 -5.80 17.16
N VAL A 180 7.21 -6.02 16.11
CA VAL A 180 6.95 -7.12 15.20
C VAL A 180 7.08 -8.46 15.96
N ASN A 181 8.09 -8.56 16.82
CA ASN A 181 8.31 -9.78 17.59
C ASN A 181 7.06 -10.10 18.40
N ILE A 182 6.50 -9.07 19.05
CA ILE A 182 5.29 -9.23 19.83
C ILE A 182 4.16 -9.81 18.97
N MET A 183 3.99 -9.27 17.76
CA MET A 183 2.93 -9.74 16.86
C MET A 183 3.10 -11.21 16.47
N ARG A 184 4.33 -11.70 16.46
CA ARG A 184 4.58 -13.10 16.09
C ARG A 184 4.66 -14.02 17.30
N THR A 185 4.71 -13.44 18.49
CA THR A 185 4.86 -14.26 19.70
C THR A 185 3.67 -14.47 20.61
N TYR A 186 2.85 -13.44 20.81
CA TYR A 186 1.72 -13.54 21.72
C TYR A 186 0.36 -13.70 21.07
N THR A 187 -0.61 -14.13 21.86
CA THR A 187 -1.97 -14.36 21.35
C THR A 187 -3.01 -13.57 22.12
N TYR A 188 -2.57 -12.77 23.08
CA TYR A 188 -3.47 -11.95 23.87
C TYR A 188 -4.02 -10.85 22.94
N GLU A 189 -5.32 -10.91 22.66
CA GLU A 189 -5.98 -9.96 21.76
C GLU A 189 -5.73 -8.49 22.04
N LYS A 190 -5.84 -8.08 23.30
CA LYS A 190 -5.66 -6.68 23.66
C LYS A 190 -4.23 -6.21 23.34
N LEU A 191 -3.25 -7.08 23.56
CA LEU A 191 -1.87 -6.72 23.28
C LEU A 191 -1.64 -6.65 21.78
N LEU A 192 -2.22 -7.59 21.04
CA LEU A 192 -2.06 -7.59 19.59
C LEU A 192 -2.70 -6.33 19.02
N TRP A 193 -3.84 -5.97 19.58
CA TRP A 193 -4.54 -4.79 19.12
C TRP A 193 -3.75 -3.51 19.41
N THR A 194 -3.32 -3.31 20.66
CA THR A 194 -2.55 -2.12 21.02
C THR A 194 -1.22 -2.03 20.25
N THR A 195 -0.57 -3.18 20.08
CA THR A 195 0.69 -3.22 19.33
C THR A 195 0.45 -2.88 17.84
N SER A 196 -0.65 -3.38 17.28
CA SER A 196 -0.94 -3.09 15.88
C SER A 196 -1.19 -1.59 15.68
N ARG A 197 -1.73 -0.93 16.70
CA ARG A 197 -1.98 0.50 16.60
C ARG A 197 -0.67 1.28 16.64
N VAL A 198 0.29 0.81 17.44
CA VAL A 198 1.59 1.48 17.49
C VAL A 198 2.21 1.34 16.11
N LEU A 199 2.14 0.14 15.55
CA LEU A 199 2.70 -0.12 14.23
C LEU A 199 2.01 0.70 13.15
N LYS A 200 0.70 0.89 13.28
CA LYS A 200 -0.05 1.67 12.31
C LYS A 200 0.47 3.11 12.33
N VAL A 201 0.65 3.66 13.52
CA VAL A 201 1.16 5.03 13.65
C VAL A 201 2.54 5.16 13.03
N LEU A 202 3.41 4.19 13.30
CA LEU A 202 4.76 4.22 12.76
C LEU A 202 4.80 3.95 11.26
N SER A 203 3.81 3.25 10.75
CA SER A 203 3.78 2.89 9.32
C SER A 203 3.60 4.07 8.35
N VAL A 204 3.30 5.25 8.86
CA VAL A 204 3.14 6.42 8.01
C VAL A 204 4.42 7.27 8.04
N CYS A 205 5.43 6.81 8.76
CA CYS A 205 6.73 7.49 8.87
C CYS A 205 7.70 6.89 7.85
N SER A 206 8.23 7.73 6.97
CA SER A 206 9.15 7.28 5.92
C SER A 206 10.39 6.54 6.42
N SER A 207 10.71 6.69 7.70
CA SER A 207 11.88 6.02 8.26
C SER A 207 11.49 4.69 8.91
N ASN A 208 10.38 4.69 9.64
CA ASN A 208 9.92 3.48 10.31
C ASN A 208 9.35 2.49 9.32
N LYS A 209 8.72 2.99 8.25
CA LYS A 209 8.11 2.13 7.25
C LYS A 209 9.04 1.03 6.73
N PRO A 210 10.22 1.40 6.18
CA PRO A 210 11.15 0.40 5.66
C PRO A 210 11.66 -0.55 6.76
N ALA A 211 11.83 -0.01 7.96
CA ALA A 211 12.31 -0.80 9.08
C ALA A 211 11.31 -1.89 9.48
N ILE A 212 10.03 -1.53 9.52
CA ILE A 212 8.98 -2.47 9.87
C ILE A 212 8.91 -3.59 8.82
N VAL A 213 9.05 -3.21 7.56
CA VAL A 213 9.01 -4.17 6.46
C VAL A 213 10.22 -5.10 6.55
N GLU A 214 11.38 -4.55 6.89
CA GLU A 214 12.58 -5.37 7.00
C GLU A 214 12.54 -6.31 8.18
N ALA A 215 11.86 -5.91 9.24
CA ALA A 215 11.75 -6.74 10.45
C ALA A 215 10.76 -7.89 10.25
N GLY A 216 10.11 -7.94 9.10
CA GLY A 216 9.15 -8.98 8.83
C GLY A 216 7.73 -8.58 9.22
N GLY A 217 7.48 -7.27 9.23
CA GLY A 217 6.18 -6.75 9.60
C GLY A 217 5.01 -7.23 8.76
N MET A 218 5.20 -7.24 7.44
CA MET A 218 4.15 -7.68 6.52
C MET A 218 3.64 -9.07 6.89
N GLN A 219 4.56 -10.02 7.00
CA GLN A 219 4.22 -11.39 7.33
C GLN A 219 3.62 -11.52 8.74
N ALA A 220 4.19 -10.80 9.70
CA ALA A 220 3.71 -10.83 11.08
C ALA A 220 2.27 -10.33 11.19
N LEU A 221 1.96 -9.21 10.56
CA LEU A 221 0.61 -8.67 10.60
C LEU A 221 -0.35 -9.60 9.88
N GLY A 222 0.14 -10.27 8.84
CA GLY A 222 -0.70 -11.18 8.08
C GLY A 222 -1.20 -12.36 8.88
N LEU A 223 -0.52 -12.67 9.98
CA LEU A 223 -0.88 -13.79 10.83
C LEU A 223 -2.21 -13.58 11.54
N HIS A 224 -2.66 -12.33 11.60
CA HIS A 224 -3.89 -12.03 12.33
C HIS A 224 -5.08 -11.59 11.48
N LEU A 225 -4.98 -11.71 10.17
CA LEU A 225 -6.07 -11.28 9.31
C LEU A 225 -7.36 -12.08 9.41
N THR A 226 -7.31 -13.26 10.04
CA THR A 226 -8.53 -14.07 10.21
C THR A 226 -8.98 -14.15 11.68
N ASP A 227 -8.36 -13.35 12.54
CA ASP A 227 -8.72 -13.34 13.95
C ASP A 227 -10.17 -12.87 14.08
N PRO A 228 -10.90 -13.38 15.08
CA PRO A 228 -12.31 -12.99 15.30
C PRO A 228 -12.46 -11.52 15.67
N SER A 229 -11.41 -10.96 16.29
CA SER A 229 -11.43 -9.56 16.69
C SER A 229 -11.38 -8.67 15.46
N GLN A 230 -12.49 -7.99 15.20
CA GLN A 230 -12.57 -7.11 14.05
C GLN A 230 -11.68 -5.89 14.18
N ARG A 231 -11.53 -5.36 15.39
CA ARG A 231 -10.67 -4.19 15.59
C ARG A 231 -9.22 -4.55 15.30
N LEU A 232 -8.81 -5.76 15.67
CA LEU A 232 -7.45 -6.23 15.41
C LEU A 232 -7.24 -6.39 13.91
N VAL A 233 -8.15 -7.10 13.25
CA VAL A 233 -8.04 -7.34 11.81
C VAL A 233 -7.95 -6.04 11.02
N GLN A 234 -8.82 -5.08 11.34
CA GLN A 234 -8.84 -3.81 10.61
C GLN A 234 -7.56 -3.00 10.81
N ASN A 235 -7.02 -2.98 12.02
CA ASN A 235 -5.80 -2.23 12.27
C ASN A 235 -4.61 -2.86 11.54
N CYS A 236 -4.62 -4.19 11.44
CA CYS A 236 -3.56 -4.88 10.73
C CYS A 236 -3.67 -4.56 9.24
N LEU A 237 -4.90 -4.54 8.72
CA LEU A 237 -5.09 -4.23 7.32
C LEU A 237 -4.65 -2.80 7.00
N TRP A 238 -4.96 -1.86 7.88
CA TRP A 238 -4.57 -0.48 7.65
C TRP A 238 -3.06 -0.33 7.64
N THR A 239 -2.39 -0.98 8.60
CA THR A 239 -0.94 -0.91 8.68
C THR A 239 -0.36 -1.57 7.44
N LEU A 240 -0.89 -2.74 7.09
CA LEU A 240 -0.42 -3.46 5.91
C LEU A 240 -0.49 -2.59 4.67
N ARG A 241 -1.61 -1.90 4.49
CA ARG A 241 -1.78 -1.06 3.30
C ARG A 241 -0.78 0.09 3.29
N ASN A 242 -0.57 0.71 4.44
CA ASN A 242 0.37 1.83 4.53
C ASN A 242 1.77 1.33 4.13
N LEU A 243 2.13 0.14 4.59
CA LEU A 243 3.45 -0.42 4.31
C LEU A 243 3.58 -1.04 2.94
N SER A 244 2.46 -1.47 2.36
CA SER A 244 2.48 -2.18 1.08
C SER A 244 3.22 -1.54 -0.10
N ASP A 245 3.23 -0.22 -0.19
CA ASP A 245 3.93 0.41 -1.31
C ASP A 245 5.45 0.33 -1.15
N ALA A 246 5.91 -0.35 -0.10
CA ALA A 246 7.35 -0.46 0.14
C ALA A 246 7.79 -1.88 0.48
N ALA A 247 6.96 -2.87 0.14
CA ALA A 247 7.29 -4.25 0.45
C ALA A 247 7.29 -5.15 -0.77
N THR A 248 7.26 -4.55 -1.95
CA THR A 248 7.25 -5.32 -3.19
C THR A 248 8.52 -6.13 -3.40
N LYS A 249 9.37 -6.22 -2.38
CA LYS A 249 10.61 -6.99 -2.49
C LYS A 249 10.82 -8.00 -1.35
N GLN A 250 9.76 -8.25 -0.59
CA GLN A 250 9.82 -9.20 0.52
C GLN A 250 9.40 -10.58 0.02
N GLU A 251 9.75 -11.62 0.77
CA GLU A 251 9.37 -12.98 0.39
C GLU A 251 8.68 -13.66 1.58
N GLY A 252 8.28 -14.92 1.41
CA GLY A 252 7.58 -15.61 2.47
C GLY A 252 6.22 -14.96 2.61
N MET A 253 5.71 -14.45 1.49
CA MET A 253 4.43 -13.76 1.42
C MET A 253 3.24 -14.62 1.02
N GLU A 254 3.47 -15.91 0.75
CA GLU A 254 2.41 -16.81 0.32
C GLU A 254 1.17 -16.76 1.21
N GLY A 255 1.39 -16.91 2.52
CA GLY A 255 0.28 -16.88 3.46
C GLY A 255 -0.47 -15.56 3.47
N LEU A 256 0.26 -14.46 3.49
CA LEU A 256 -0.36 -13.14 3.49
C LEU A 256 -1.24 -12.98 2.25
N LEU A 257 -0.67 -13.32 1.10
CA LEU A 257 -1.39 -13.21 -0.17
C LEU A 257 -2.61 -14.12 -0.19
N GLY A 258 -2.47 -15.34 0.29
CA GLY A 258 -3.60 -16.25 0.31
C GLY A 258 -4.75 -15.68 1.11
N THR A 259 -4.45 -15.18 2.31
CA THR A 259 -5.47 -14.61 3.17
C THR A 259 -6.13 -13.37 2.57
N LEU A 260 -5.32 -12.48 2.00
CA LEU A 260 -5.85 -11.28 1.37
C LEU A 260 -6.85 -11.63 0.28
N VAL A 261 -6.54 -12.63 -0.54
CA VAL A 261 -7.46 -13.04 -1.59
C VAL A 261 -8.80 -13.45 -0.97
N GLN A 262 -8.73 -14.18 0.14
CA GLN A 262 -9.95 -14.62 0.84
C GLN A 262 -10.77 -13.44 1.36
N LEU A 263 -10.09 -12.44 1.91
CA LEU A 263 -10.76 -11.26 2.45
C LEU A 263 -11.54 -10.48 1.39
N LEU A 264 -11.21 -10.67 0.12
CA LEU A 264 -11.91 -9.98 -0.97
C LEU A 264 -13.38 -10.38 -0.95
N GLY A 265 -13.68 -11.53 -0.36
CA GLY A 265 -15.05 -12.01 -0.29
C GLY A 265 -15.82 -11.51 0.91
N SER A 266 -15.14 -10.81 1.82
CA SER A 266 -15.78 -10.28 3.01
C SER A 266 -16.98 -9.38 2.72
N ASP A 267 -17.90 -9.30 3.69
CA ASP A 267 -19.08 -8.45 3.56
C ASP A 267 -18.74 -7.10 4.18
N ASP A 268 -17.55 -7.01 4.76
CA ASP A 268 -17.08 -5.79 5.40
C ASP A 268 -16.38 -4.94 4.34
N ILE A 269 -17.05 -3.89 3.89
CA ILE A 269 -16.52 -3.02 2.84
C ILE A 269 -15.09 -2.54 3.12
N ASN A 270 -14.78 -2.24 4.38
CA ASN A 270 -13.44 -1.77 4.72
C ASN A 270 -12.40 -2.87 4.59
N VAL A 271 -12.82 -4.09 4.86
CA VAL A 271 -11.91 -5.21 4.74
C VAL A 271 -11.59 -5.43 3.25
N VAL A 272 -12.62 -5.43 2.41
CA VAL A 272 -12.44 -5.64 0.97
C VAL A 272 -11.61 -4.49 0.36
N THR A 273 -11.96 -3.27 0.71
CA THR A 273 -11.23 -2.10 0.19
C THR A 273 -9.74 -2.19 0.53
N CYS A 274 -9.42 -2.45 1.79
CA CYS A 274 -8.02 -2.57 2.19
C CYS A 274 -7.34 -3.73 1.49
N ALA A 275 -8.03 -4.87 1.42
CA ALA A 275 -7.46 -6.05 0.78
C ALA A 275 -7.13 -5.79 -0.70
N ALA A 276 -8.02 -5.07 -1.39
CA ALA A 276 -7.80 -4.78 -2.80
C ALA A 276 -6.58 -3.86 -2.92
N GLY A 277 -6.54 -2.82 -2.10
CA GLY A 277 -5.42 -1.89 -2.13
C GLY A 277 -4.09 -2.58 -1.89
N ILE A 278 -4.04 -3.44 -0.89
CA ILE A 278 -2.79 -4.14 -0.58
C ILE A 278 -2.38 -5.09 -1.70
N LEU A 279 -3.33 -5.84 -2.25
CA LEU A 279 -3.01 -6.77 -3.33
C LEU A 279 -2.50 -6.03 -4.56
N SER A 280 -3.10 -4.89 -4.85
CA SER A 280 -2.70 -4.08 -6.00
C SER A 280 -1.23 -3.66 -5.88
N ASN A 281 -0.84 -3.20 -4.69
CA ASN A 281 0.54 -2.77 -4.46
C ASN A 281 1.53 -3.94 -4.45
N LEU A 282 1.14 -5.07 -3.86
CA LEU A 282 2.03 -6.22 -3.78
C LEU A 282 2.21 -6.97 -5.10
N THR A 283 1.32 -6.73 -6.06
CA THR A 283 1.44 -7.39 -7.35
C THR A 283 2.11 -6.45 -8.34
N CYS A 284 2.35 -5.23 -7.90
CA CYS A 284 3.00 -4.21 -8.71
C CYS A 284 4.47 -4.59 -8.96
N ASN A 285 4.78 -4.92 -10.21
CA ASN A 285 6.13 -5.30 -10.64
C ASN A 285 6.82 -6.41 -9.83
N ASN A 286 6.05 -7.38 -9.36
CA ASN A 286 6.60 -8.50 -8.61
C ASN A 286 5.96 -9.75 -9.19
N TYR A 287 6.64 -10.40 -10.12
CA TYR A 287 6.11 -11.58 -10.78
C TYR A 287 5.83 -12.76 -9.85
N LYS A 288 6.61 -12.88 -8.78
CA LYS A 288 6.37 -13.98 -7.83
C LYS A 288 5.04 -13.78 -7.12
N ASN A 289 4.76 -12.56 -6.67
CA ASN A 289 3.50 -12.29 -5.99
C ASN A 289 2.36 -12.44 -7.00
N LYS A 290 2.61 -12.07 -8.26
CA LYS A 290 1.59 -12.21 -9.29
C LYS A 290 1.28 -13.70 -9.43
N MET A 291 2.33 -14.52 -9.51
CA MET A 291 2.17 -15.96 -9.65
C MET A 291 1.36 -16.56 -8.50
N MET A 292 1.70 -16.20 -7.26
CA MET A 292 0.99 -16.73 -6.09
C MET A 292 -0.47 -16.28 -5.99
N VAL A 293 -0.73 -15.01 -6.30
CA VAL A 293 -2.09 -14.52 -6.23
C VAL A 293 -3.00 -15.25 -7.21
N CYS A 294 -2.50 -15.50 -8.42
CA CYS A 294 -3.29 -16.22 -9.41
C CYS A 294 -3.48 -17.66 -8.98
N GLN A 295 -2.45 -18.20 -8.33
CA GLN A 295 -2.44 -19.56 -7.86
C GLN A 295 -3.57 -19.83 -6.86
N VAL A 296 -3.82 -18.89 -5.96
CA VAL A 296 -4.86 -19.06 -4.95
C VAL A 296 -6.24 -18.54 -5.35
N GLY A 297 -6.48 -18.42 -6.66
CA GLY A 297 -7.77 -17.97 -7.14
C GLY A 297 -8.05 -16.48 -7.11
N GLY A 298 -6.98 -15.69 -7.11
CA GLY A 298 -7.10 -14.24 -7.07
C GLY A 298 -7.90 -13.59 -8.18
N ILE A 299 -7.78 -14.10 -9.41
CA ILE A 299 -8.52 -13.53 -10.53
C ILE A 299 -10.03 -13.62 -10.30
N GLU A 300 -10.53 -14.80 -9.98
CA GLU A 300 -11.96 -14.96 -9.75
C GLU A 300 -12.41 -14.06 -8.59
N ALA A 301 -11.65 -14.10 -7.50
CA ALA A 301 -11.98 -13.31 -6.33
C ALA A 301 -12.02 -11.82 -6.67
N LEU A 302 -11.07 -11.35 -7.49
CA LEU A 302 -11.03 -9.94 -7.88
C LEU A 302 -12.19 -9.57 -8.80
N VAL A 303 -12.52 -10.47 -9.73
CA VAL A 303 -13.62 -10.20 -10.64
C VAL A 303 -14.91 -10.08 -9.81
N ARG A 304 -15.13 -11.03 -8.91
CA ARG A 304 -16.32 -10.99 -8.06
C ARG A 304 -16.35 -9.69 -7.28
N THR A 305 -15.21 -9.28 -6.75
CA THR A 305 -15.12 -8.06 -5.98
C THR A 305 -15.55 -6.86 -6.83
N VAL A 306 -15.11 -6.83 -8.09
CA VAL A 306 -15.48 -5.73 -8.95
C VAL A 306 -16.97 -5.76 -9.24
N LEU A 307 -17.50 -6.96 -9.45
CA LEU A 307 -18.92 -7.10 -9.72
C LEU A 307 -19.75 -6.56 -8.55
N ARG A 308 -19.42 -6.99 -7.34
CA ARG A 308 -20.11 -6.56 -6.13
C ARG A 308 -19.98 -5.07 -5.80
N ALA A 309 -18.82 -4.51 -6.11
CA ALA A 309 -18.55 -3.10 -5.82
C ALA A 309 -19.39 -2.09 -6.59
N GLY A 310 -19.79 -2.44 -7.80
CA GLY A 310 -20.58 -1.51 -8.59
C GLY A 310 -19.85 -0.21 -8.86
N ASP A 311 -20.45 0.90 -8.47
CA ASP A 311 -19.83 2.20 -8.70
C ASP A 311 -18.87 2.66 -7.61
N ARG A 312 -18.67 1.83 -6.59
CA ARG A 312 -17.76 2.21 -5.50
C ARG A 312 -16.29 2.11 -5.94
N GLU A 313 -15.74 3.26 -6.32
CA GLU A 313 -14.37 3.32 -6.82
C GLU A 313 -13.22 3.08 -5.83
N ASP A 314 -13.49 3.16 -4.54
CA ASP A 314 -12.42 2.91 -3.57
C ASP A 314 -12.06 1.44 -3.64
N ILE A 315 -12.99 0.65 -4.18
CA ILE A 315 -12.79 -0.79 -4.33
C ILE A 315 -12.38 -1.16 -5.75
N THR A 316 -13.13 -0.66 -6.74
CA THR A 316 -12.84 -0.99 -8.13
C THR A 316 -11.51 -0.50 -8.66
N GLU A 317 -11.06 0.70 -8.26
CA GLU A 317 -9.79 1.18 -8.77
C GLU A 317 -8.63 0.25 -8.40
N PRO A 318 -8.42 -0.01 -7.09
CA PRO A 318 -7.32 -0.90 -6.74
C PRO A 318 -7.52 -2.31 -7.27
N ALA A 319 -8.76 -2.77 -7.30
CA ALA A 319 -9.05 -4.10 -7.79
C ALA A 319 -8.76 -4.22 -9.28
N ILE A 320 -9.13 -3.20 -10.05
CA ILE A 320 -8.87 -3.20 -11.47
C ILE A 320 -7.37 -3.13 -11.70
N CYS A 321 -6.68 -2.32 -10.90
CA CYS A 321 -5.23 -2.21 -11.01
C CYS A 321 -4.56 -3.56 -10.71
N ALA A 322 -5.08 -4.27 -9.71
CA ALA A 322 -4.53 -5.58 -9.35
C ALA A 322 -4.68 -6.52 -10.54
N LEU A 323 -5.87 -6.48 -11.15
CA LEU A 323 -6.15 -7.30 -12.31
C LEU A 323 -5.22 -6.96 -13.46
N ARG A 324 -4.98 -5.67 -13.67
CA ARG A 324 -4.09 -5.22 -14.74
C ARG A 324 -2.70 -5.81 -14.49
N HIS A 325 -2.23 -5.71 -13.25
CA HIS A 325 -0.93 -6.25 -12.88
C HIS A 325 -0.88 -7.76 -13.11
N LEU A 326 -1.94 -8.44 -12.71
CA LEU A 326 -2.04 -9.89 -12.81
C LEU A 326 -2.19 -10.46 -14.21
N THR A 327 -2.56 -9.62 -15.18
CA THR A 327 -2.72 -10.09 -16.55
C THR A 327 -1.55 -9.66 -17.41
N SER A 328 -0.42 -9.37 -16.75
CA SER A 328 0.77 -8.91 -17.47
C SER A 328 2.14 -9.33 -16.92
N ARG A 329 3.06 -9.59 -17.83
CA ARG A 329 4.44 -9.92 -17.51
C ARG A 329 4.75 -10.98 -16.46
N HIS A 330 4.20 -12.17 -16.61
CA HIS A 330 4.52 -13.27 -15.73
C HIS A 330 4.04 -14.57 -16.34
N GLN A 331 4.68 -15.65 -15.96
CA GLN A 331 4.38 -16.97 -16.49
C GLN A 331 2.90 -17.29 -16.62
N GLU A 332 2.09 -16.83 -15.67
CA GLU A 332 0.65 -17.12 -15.71
C GLU A 332 -0.24 -15.97 -16.17
N ALA A 333 0.33 -14.99 -16.85
CA ALA A 333 -0.46 -13.86 -17.34
C ALA A 333 -1.54 -14.29 -18.33
N GLU A 334 -1.20 -15.21 -19.22
CA GLU A 334 -2.16 -15.67 -20.23
C GLU A 334 -3.37 -16.37 -19.63
N MET A 335 -3.15 -17.25 -18.66
CA MET A 335 -4.26 -17.94 -18.02
C MET A 335 -5.10 -16.90 -17.28
N ALA A 336 -4.45 -15.91 -16.70
CA ALA A 336 -5.17 -14.86 -15.97
C ALA A 336 -6.09 -14.12 -16.94
N GLN A 337 -5.55 -13.77 -18.11
CA GLN A 337 -6.32 -13.07 -19.13
C GLN A 337 -7.56 -13.88 -19.50
N ASN A 338 -7.38 -15.18 -19.63
CA ASN A 338 -8.49 -16.08 -19.94
C ASN A 338 -9.46 -16.17 -18.79
N ALA A 339 -8.91 -16.33 -17.58
CA ALA A 339 -9.73 -16.45 -16.38
C ALA A 339 -10.69 -15.30 -16.20
N VAL A 340 -10.24 -14.08 -16.51
CA VAL A 340 -11.12 -12.94 -16.36
C VAL A 340 -12.40 -13.16 -17.14
N ARG A 341 -12.27 -13.70 -18.36
CA ARG A 341 -13.45 -13.96 -19.19
C ARG A 341 -14.24 -15.12 -18.62
N LEU A 342 -13.55 -16.20 -18.26
CA LEU A 342 -14.19 -17.39 -17.73
C LEU A 342 -15.02 -17.12 -16.47
N HIS A 343 -14.65 -16.11 -15.70
CA HIS A 343 -15.40 -15.79 -14.50
C HIS A 343 -16.36 -14.62 -14.73
N TYR A 344 -16.79 -14.46 -15.98
CA TYR A 344 -17.75 -13.45 -16.38
C TYR A 344 -17.37 -12.01 -16.04
N GLY A 345 -16.10 -11.68 -16.22
CA GLY A 345 -15.64 -10.34 -15.89
C GLY A 345 -15.60 -9.33 -17.02
N LEU A 346 -15.56 -9.80 -18.26
CA LEU A 346 -15.51 -8.88 -19.40
C LEU A 346 -16.60 -7.81 -19.41
N PRO A 347 -17.87 -8.21 -19.20
CA PRO A 347 -18.94 -7.20 -19.21
C PRO A 347 -18.75 -6.05 -18.22
N VAL A 348 -18.41 -6.36 -16.96
CA VAL A 348 -18.23 -5.30 -15.99
C VAL A 348 -16.97 -4.49 -16.30
N VAL A 349 -15.91 -5.15 -16.74
CA VAL A 349 -14.68 -4.44 -17.04
C VAL A 349 -14.96 -3.34 -18.06
N VAL A 350 -15.61 -3.70 -19.16
CA VAL A 350 -15.91 -2.73 -20.21
C VAL A 350 -16.88 -1.67 -19.68
N LYS A 351 -17.78 -2.09 -18.78
CA LYS A 351 -18.75 -1.19 -18.21
C LYS A 351 -18.06 -0.04 -17.49
N LEU A 352 -16.96 -0.34 -16.80
CA LEU A 352 -16.22 0.66 -16.05
C LEU A 352 -15.59 1.78 -16.88
N LEU A 353 -15.62 1.64 -18.20
CA LEU A 353 -15.08 2.67 -19.10
C LEU A 353 -16.07 3.84 -19.19
N HIS A 354 -17.31 3.62 -18.79
CA HIS A 354 -18.34 4.64 -18.86
C HIS A 354 -18.66 5.35 -17.55
N PRO A 355 -19.31 6.52 -17.64
CA PRO A 355 -19.68 7.26 -16.42
C PRO A 355 -20.55 6.32 -15.59
N PRO A 356 -20.61 6.53 -14.27
CA PRO A 356 -19.95 7.57 -13.47
C PRO A 356 -18.46 7.38 -13.17
N SER A 357 -17.83 6.38 -13.77
CA SER A 357 -16.40 6.16 -13.51
C SER A 357 -15.59 7.43 -13.68
N HIS A 358 -14.64 7.65 -12.78
CA HIS A 358 -13.77 8.82 -12.85
C HIS A 358 -12.49 8.45 -13.60
N TRP A 359 -11.75 9.46 -14.02
CA TRP A 359 -10.53 9.26 -14.78
C TRP A 359 -9.53 8.23 -14.26
N PRO A 360 -9.14 8.33 -12.98
CA PRO A 360 -8.17 7.33 -12.49
C PRO A 360 -8.63 5.90 -12.76
N LEU A 361 -9.92 5.65 -12.56
CA LEU A 361 -10.47 4.33 -12.78
C LEU A 361 -10.51 4.02 -14.27
N ILE A 362 -10.84 5.02 -15.08
CA ILE A 362 -10.90 4.82 -16.53
C ILE A 362 -9.50 4.43 -17.02
N LYS A 363 -8.49 5.14 -16.54
CA LYS A 363 -7.12 4.86 -16.94
C LYS A 363 -6.71 3.43 -16.64
N ALA A 364 -7.01 2.95 -15.45
CA ALA A 364 -6.66 1.59 -15.07
C ALA A 364 -7.45 0.57 -15.88
N THR A 365 -8.71 0.87 -16.15
CA THR A 365 -9.56 -0.03 -16.91
C THR A 365 -9.07 -0.21 -18.35
N VAL A 366 -8.61 0.88 -18.97
CA VAL A 366 -8.10 0.80 -20.34
C VAL A 366 -6.84 -0.05 -20.35
N GLY A 367 -6.00 0.12 -19.33
CA GLY A 367 -4.79 -0.67 -19.23
C GLY A 367 -5.12 -2.15 -19.07
N LEU A 368 -6.18 -2.45 -18.34
CA LEU A 368 -6.57 -3.84 -18.14
C LEU A 368 -7.08 -4.46 -19.44
N ILE A 369 -7.92 -3.70 -20.15
CA ILE A 369 -8.47 -4.16 -21.42
C ILE A 369 -7.36 -4.45 -22.41
N ARG A 370 -6.33 -3.60 -22.39
CA ARG A 370 -5.18 -3.76 -23.25
C ARG A 370 -4.52 -5.13 -23.00
N ASN A 371 -4.39 -5.51 -21.72
CA ASN A 371 -3.79 -6.79 -21.36
C ASN A 371 -4.71 -7.95 -21.72
N LEU A 372 -6.00 -7.76 -21.48
CA LEU A 372 -6.96 -8.81 -21.78
C LEU A 372 -7.01 -9.09 -23.29
N ALA A 373 -6.79 -8.05 -24.10
CA ALA A 373 -6.82 -8.19 -25.55
C ALA A 373 -5.65 -9.00 -26.09
N LEU A 374 -4.66 -9.30 -25.24
CA LEU A 374 -3.52 -10.09 -25.67
C LEU A 374 -3.97 -11.54 -25.84
N CYS A 375 -5.12 -11.85 -25.24
CA CYS A 375 -5.68 -13.20 -25.32
C CYS A 375 -6.70 -13.22 -26.46
N PRO A 376 -6.38 -13.93 -27.56
CA PRO A 376 -7.27 -14.01 -28.74
C PRO A 376 -8.71 -14.37 -28.42
N ALA A 377 -8.90 -15.20 -27.40
CA ALA A 377 -10.24 -15.62 -27.01
C ALA A 377 -11.05 -14.47 -26.40
N ASN A 378 -10.40 -13.34 -26.15
CA ASN A 378 -11.10 -12.18 -25.61
C ASN A 378 -11.41 -11.16 -26.69
N HIS A 379 -10.90 -11.38 -27.91
CA HIS A 379 -11.13 -10.43 -28.99
C HIS A 379 -12.61 -10.24 -29.34
N ALA A 380 -13.33 -11.33 -29.59
CA ALA A 380 -14.74 -11.24 -29.94
C ALA A 380 -15.61 -10.71 -28.81
N PRO A 381 -15.51 -11.30 -27.61
CA PRO A 381 -16.32 -10.81 -26.48
C PRO A 381 -16.09 -9.35 -26.09
N LEU A 382 -14.84 -8.88 -26.18
CA LEU A 382 -14.57 -7.50 -25.85
C LEU A 382 -15.26 -6.63 -26.89
N ARG A 383 -15.23 -7.08 -28.14
CA ARG A 383 -15.87 -6.35 -29.22
C ARG A 383 -17.37 -6.30 -28.99
N GLU A 384 -17.95 -7.45 -28.65
CA GLU A 384 -19.38 -7.55 -28.44
C GLU A 384 -19.90 -6.80 -27.21
N GLN A 385 -19.00 -6.25 -26.41
CA GLN A 385 -19.42 -5.47 -25.23
C GLN A 385 -19.37 -3.98 -25.56
N GLY A 386 -19.00 -3.67 -26.80
CA GLY A 386 -18.95 -2.29 -27.23
C GLY A 386 -17.71 -1.52 -26.80
N ALA A 387 -16.64 -2.25 -26.51
CA ALA A 387 -15.40 -1.63 -26.07
C ALA A 387 -14.77 -0.70 -27.09
N ILE A 388 -14.73 -1.14 -28.35
CA ILE A 388 -14.09 -0.36 -29.40
C ILE A 388 -14.66 1.06 -29.60
N PRO A 389 -15.99 1.21 -29.76
CA PRO A 389 -16.51 2.57 -29.94
C PRO A 389 -16.19 3.45 -28.74
N ARG A 390 -16.33 2.90 -27.53
CA ARG A 390 -16.03 3.67 -26.33
C ARG A 390 -14.54 4.04 -26.26
N LEU A 391 -13.67 3.09 -26.59
CA LEU A 391 -12.23 3.36 -26.56
C LEU A 391 -11.90 4.48 -27.56
N VAL A 392 -12.56 4.45 -28.71
CA VAL A 392 -12.34 5.48 -29.73
C VAL A 392 -12.85 6.83 -29.24
N GLN A 393 -14.04 6.84 -28.66
CA GLN A 393 -14.60 8.08 -28.13
C GLN A 393 -13.66 8.68 -27.10
N LEU A 394 -13.19 7.85 -26.16
CA LEU A 394 -12.27 8.34 -25.14
C LEU A 394 -11.03 8.93 -25.79
N LEU A 395 -10.49 8.21 -26.77
CA LEU A 395 -9.31 8.65 -27.49
C LEU A 395 -9.51 9.99 -28.19
N VAL A 396 -10.58 10.09 -28.97
CA VAL A 396 -10.87 11.31 -29.70
C VAL A 396 -11.04 12.51 -28.76
N ARG A 397 -11.83 12.35 -27.71
CA ARG A 397 -12.04 13.46 -26.79
C ARG A 397 -10.75 13.89 -26.09
N ALA A 398 -9.95 12.91 -25.64
CA ALA A 398 -8.71 13.21 -24.95
C ALA A 398 -7.72 13.94 -25.84
N HIS A 399 -7.60 13.50 -27.09
CA HIS A 399 -6.69 14.14 -28.03
C HIS A 399 -7.12 15.59 -28.25
N GLN A 400 -8.42 15.80 -28.43
CA GLN A 400 -8.93 17.15 -28.64
C GLN A 400 -8.59 18.03 -27.45
N ASP A 401 -8.55 17.45 -26.27
CA ASP A 401 -8.20 18.21 -25.06
C ASP A 401 -6.75 18.64 -25.09
N THR A 402 -5.84 17.72 -25.40
CA THR A 402 -4.43 18.04 -25.44
C THR A 402 -4.14 19.10 -26.51
N GLN A 403 -5.07 19.30 -27.43
CA GLN A 403 -4.87 20.28 -28.49
C GLN A 403 -5.48 21.65 -28.23
N ARG A 404 -6.42 21.75 -27.29
CA ARG A 404 -7.04 23.04 -27.00
C ARG A 404 -6.27 23.82 -25.94
N GLN A 414 -3.73 20.67 -16.96
CA GLN A 414 -3.04 19.42 -17.31
C GLN A 414 -3.71 18.20 -16.68
N PHE A 415 -3.41 17.97 -15.40
CA PHE A 415 -3.97 16.84 -14.67
C PHE A 415 -5.46 16.96 -14.38
N VAL A 416 -6.27 16.16 -15.07
CA VAL A 416 -7.70 16.15 -14.84
C VAL A 416 -7.93 15.01 -13.86
N GLU A 417 -8.12 15.35 -12.59
CA GLU A 417 -8.31 14.36 -11.53
C GLU A 417 -7.02 13.57 -11.36
N GLY A 418 -5.90 14.23 -11.56
CA GLY A 418 -4.61 13.58 -11.42
C GLY A 418 -4.25 12.69 -12.59
N VAL A 419 -4.86 12.94 -13.74
CA VAL A 419 -4.62 12.16 -14.96
C VAL A 419 -4.44 13.06 -16.17
N ARG A 420 -3.32 12.92 -16.86
CA ARG A 420 -3.10 13.72 -18.06
C ARG A 420 -3.78 13.02 -19.22
N MET A 421 -4.43 13.80 -20.08
CA MET A 421 -5.12 13.26 -21.22
C MET A 421 -4.13 12.58 -22.17
N GLU A 422 -2.86 12.99 -22.12
CA GLU A 422 -1.83 12.37 -22.95
C GLU A 422 -1.84 10.87 -22.63
N GLU A 423 -2.09 10.55 -21.36
CA GLU A 423 -2.12 9.16 -20.91
C GLU A 423 -3.32 8.42 -21.45
N ILE A 424 -4.44 9.13 -21.58
CA ILE A 424 -5.66 8.50 -22.11
C ILE A 424 -5.44 8.23 -23.60
N VAL A 425 -4.88 9.19 -24.30
CA VAL A 425 -4.60 9.05 -25.72
C VAL A 425 -3.69 7.83 -25.93
N GLU A 426 -2.62 7.78 -25.16
CA GLU A 426 -1.68 6.67 -25.25
C GLU A 426 -2.34 5.34 -24.90
N GLY A 427 -3.04 5.30 -23.77
CA GLY A 427 -3.69 4.08 -23.34
C GLY A 427 -4.73 3.51 -24.29
N CYS A 428 -5.68 4.34 -24.72
CA CYS A 428 -6.72 3.88 -25.63
C CYS A 428 -6.12 3.44 -26.96
N THR A 429 -5.14 4.19 -27.46
CA THR A 429 -4.52 3.81 -28.72
C THR A 429 -3.79 2.47 -28.53
N GLY A 430 -3.22 2.28 -27.34
CA GLY A 430 -2.51 1.05 -27.05
C GLY A 430 -3.44 -0.15 -27.00
N ALA A 431 -4.64 0.03 -26.46
CA ALA A 431 -5.61 -1.05 -26.39
C ALA A 431 -6.10 -1.36 -27.80
N LEU A 432 -6.33 -0.32 -28.60
CA LEU A 432 -6.80 -0.51 -29.96
C LEU A 432 -5.73 -1.23 -30.78
N HIS A 433 -4.47 -0.95 -30.46
CA HIS A 433 -3.33 -1.58 -31.14
C HIS A 433 -3.40 -3.11 -30.97
N ILE A 434 -3.71 -3.55 -29.76
CA ILE A 434 -3.79 -4.98 -29.48
C ILE A 434 -5.08 -5.56 -30.06
N LEU A 435 -6.19 -4.84 -29.92
CA LEU A 435 -7.47 -5.30 -30.43
C LEU A 435 -7.42 -5.44 -31.94
N ALA A 436 -6.62 -4.60 -32.60
CA ALA A 436 -6.48 -4.65 -34.05
C ALA A 436 -5.83 -5.94 -34.55
N ARG A 437 -5.48 -6.84 -33.65
CA ARG A 437 -4.89 -8.11 -34.05
C ARG A 437 -5.95 -9.00 -34.70
N ASP A 438 -7.22 -8.72 -34.39
CA ASP A 438 -8.35 -9.48 -34.91
C ASP A 438 -8.96 -8.81 -36.13
N VAL A 439 -9.21 -9.59 -37.17
CA VAL A 439 -9.75 -9.06 -38.42
C VAL A 439 -11.07 -8.32 -38.26
N HIS A 440 -11.98 -8.85 -37.45
CA HIS A 440 -13.27 -8.20 -37.26
C HIS A 440 -13.12 -6.91 -36.47
N ASN A 441 -12.19 -6.88 -35.52
CA ASN A 441 -11.99 -5.65 -34.75
C ASN A 441 -11.42 -4.58 -35.69
N ARG A 442 -10.56 -4.99 -36.61
CA ARG A 442 -9.96 -4.04 -37.55
C ARG A 442 -11.06 -3.39 -38.39
N ILE A 443 -12.08 -4.15 -38.75
CA ILE A 443 -13.19 -3.63 -39.54
C ILE A 443 -13.95 -2.58 -38.73
N VAL A 444 -14.24 -2.88 -37.46
CA VAL A 444 -14.94 -1.93 -36.60
C VAL A 444 -14.09 -0.65 -36.46
N ILE A 445 -12.82 -0.84 -36.12
CA ILE A 445 -11.89 0.27 -35.93
C ILE A 445 -11.84 1.17 -37.16
N ARG A 446 -11.66 0.59 -38.33
CA ARG A 446 -11.58 1.40 -39.54
C ARG A 446 -12.93 2.09 -39.83
N GLY A 447 -14.02 1.38 -39.58
CA GLY A 447 -15.35 1.92 -39.82
C GLY A 447 -15.70 3.11 -38.95
N LEU A 448 -14.97 3.27 -37.84
CA LEU A 448 -15.18 4.40 -36.94
C LEU A 448 -14.42 5.61 -37.47
N ASN A 449 -13.86 5.48 -38.67
CA ASN A 449 -13.11 6.57 -39.29
C ASN A 449 -11.99 7.06 -38.37
N THR A 450 -11.16 6.14 -37.90
CA THR A 450 -10.07 6.47 -37.00
C THR A 450 -8.70 6.64 -37.68
N ILE A 451 -8.56 6.13 -38.89
CA ILE A 451 -7.28 6.23 -39.60
C ILE A 451 -6.72 7.64 -39.67
N PRO A 452 -7.55 8.63 -40.04
CA PRO A 452 -7.03 10.00 -40.12
C PRO A 452 -6.43 10.46 -38.79
N LEU A 453 -7.06 10.07 -37.70
CA LEU A 453 -6.61 10.42 -36.35
C LEU A 453 -5.28 9.73 -36.03
N PHE A 454 -5.21 8.42 -36.26
CA PHE A 454 -3.97 7.69 -36.00
C PHE A 454 -2.81 8.34 -36.77
N VAL A 455 -3.09 8.80 -37.98
CA VAL A 455 -2.06 9.43 -38.79
C VAL A 455 -1.58 10.71 -38.11
N GLN A 456 -2.50 11.48 -37.56
CA GLN A 456 -2.14 12.72 -36.88
C GLN A 456 -1.36 12.43 -35.60
N LEU A 457 -1.68 11.33 -34.93
CA LEU A 457 -0.98 10.96 -33.70
C LEU A 457 0.47 10.65 -33.99
N LEU A 458 0.76 10.37 -35.27
CA LEU A 458 2.12 10.06 -35.70
C LEU A 458 3.02 11.30 -35.51
N TYR A 459 2.41 12.48 -35.44
CA TYR A 459 3.16 13.73 -35.26
C TYR A 459 3.27 14.11 -33.79
N SER A 460 2.71 13.28 -32.91
CA SER A 460 2.76 13.57 -31.48
C SER A 460 4.21 13.69 -31.02
N PRO A 461 4.50 14.68 -30.16
CA PRO A 461 5.86 14.86 -29.65
C PRO A 461 6.19 13.81 -28.60
N ILE A 462 5.19 13.02 -28.20
CA ILE A 462 5.40 11.99 -27.21
C ILE A 462 5.66 10.63 -27.86
N GLU A 463 6.85 10.11 -27.63
CA GLU A 463 7.32 8.84 -28.16
C GLU A 463 6.40 7.65 -27.96
N ASN A 464 5.81 7.53 -26.77
CA ASN A 464 4.92 6.41 -26.50
C ASN A 464 3.66 6.46 -27.33
N ILE A 465 3.19 7.66 -27.62
CA ILE A 465 1.99 7.83 -28.43
C ILE A 465 2.35 7.47 -29.88
N GLN A 466 3.53 7.90 -30.32
CA GLN A 466 4.00 7.61 -31.65
C GLN A 466 4.04 6.10 -31.85
N ARG A 467 4.56 5.39 -30.86
CA ARG A 467 4.67 3.94 -30.92
C ARG A 467 3.32 3.24 -31.11
N VAL A 468 2.34 3.55 -30.28
CA VAL A 468 1.03 2.88 -30.41
C VAL A 468 0.27 3.31 -31.67
N ALA A 469 0.47 4.55 -32.09
CA ALA A 469 -0.18 5.05 -33.29
C ALA A 469 0.40 4.31 -34.49
N ALA A 470 1.73 4.20 -34.54
CA ALA A 470 2.39 3.47 -35.63
C ALA A 470 1.96 2.00 -35.50
N GLY A 471 1.83 1.55 -34.26
CA GLY A 471 1.44 0.17 -33.99
C GLY A 471 0.09 -0.21 -34.55
N VAL A 472 -0.94 0.56 -34.24
CA VAL A 472 -2.29 0.24 -34.72
C VAL A 472 -2.39 0.36 -36.25
N LEU A 473 -1.69 1.31 -36.84
CA LEU A 473 -1.71 1.46 -38.28
C LEU A 473 -1.02 0.25 -38.92
N CYS A 474 0.01 -0.26 -38.24
CA CYS A 474 0.74 -1.44 -38.72
C CYS A 474 -0.19 -2.65 -38.77
N GLU A 475 -0.98 -2.85 -37.71
CA GLU A 475 -1.92 -3.98 -37.67
C GLU A 475 -2.99 -3.79 -38.74
N LEU A 476 -3.53 -2.58 -38.83
CA LEU A 476 -4.56 -2.28 -39.81
C LEU A 476 -4.04 -2.48 -41.22
N ALA A 477 -2.76 -2.20 -41.42
CA ALA A 477 -2.14 -2.32 -42.74
C ALA A 477 -1.96 -3.76 -43.20
N GLN A 478 -2.20 -4.74 -42.33
CA GLN A 478 -2.02 -6.13 -42.76
C GLN A 478 -3.10 -6.54 -43.76
N ASP A 479 -4.15 -5.73 -43.87
CA ASP A 479 -5.22 -5.98 -44.84
C ASP A 479 -4.94 -5.02 -45.99
N LYS A 480 -4.92 -5.54 -47.22
CA LYS A 480 -4.65 -4.74 -48.41
C LYS A 480 -5.45 -3.45 -48.51
N GLU A 481 -6.78 -3.54 -48.45
CA GLU A 481 -7.61 -2.35 -48.55
C GLU A 481 -7.28 -1.29 -47.52
N ALA A 482 -7.04 -1.71 -46.29
CA ALA A 482 -6.72 -0.77 -45.23
C ALA A 482 -5.38 -0.07 -45.48
N ALA A 483 -4.40 -0.83 -45.99
CA ALA A 483 -3.09 -0.28 -46.27
C ALA A 483 -3.22 0.84 -47.30
N GLU A 484 -4.05 0.61 -48.30
CA GLU A 484 -4.28 1.60 -49.33
C GLU A 484 -4.90 2.85 -48.71
N ALA A 485 -5.89 2.66 -47.85
CA ALA A 485 -6.55 3.77 -47.19
C ALA A 485 -5.58 4.58 -46.33
N ILE A 486 -4.65 3.90 -45.67
CA ILE A 486 -3.67 4.57 -44.83
C ILE A 486 -2.75 5.43 -45.70
N GLU A 487 -2.36 4.90 -46.85
CA GLU A 487 -1.49 5.64 -47.76
C GLU A 487 -2.25 6.82 -48.30
N ALA A 488 -3.54 6.62 -48.58
CA ALA A 488 -4.38 7.68 -49.11
C ALA A 488 -4.55 8.80 -48.09
N GLU A 489 -4.23 8.52 -46.83
CA GLU A 489 -4.35 9.52 -45.78
C GLU A 489 -3.07 10.30 -45.57
N GLY A 490 -2.09 10.11 -46.45
CA GLY A 490 -0.83 10.82 -46.33
C GLY A 490 0.03 10.38 -45.17
N ALA A 491 0.01 9.09 -44.85
CA ALA A 491 0.79 8.57 -43.74
C ALA A 491 2.28 8.45 -44.04
N THR A 492 2.61 8.32 -45.32
CA THR A 492 3.99 8.15 -45.74
C THR A 492 5.01 9.14 -45.18
N ALA A 493 4.69 10.43 -45.26
CA ALA A 493 5.60 11.45 -44.77
C ALA A 493 5.88 11.32 -43.27
N PRO A 494 4.84 11.42 -42.44
CA PRO A 494 5.10 11.30 -41.01
C PRO A 494 5.76 9.97 -40.58
N LEU A 495 5.46 8.88 -41.28
CA LEU A 495 6.06 7.58 -40.95
C LEU A 495 7.57 7.62 -41.26
N THR A 496 7.92 8.14 -42.42
CA THR A 496 9.33 8.23 -42.80
C THR A 496 10.11 8.99 -41.75
N GLU A 497 9.51 10.04 -41.20
CA GLU A 497 10.16 10.85 -40.18
C GLU A 497 10.42 10.05 -38.90
N LEU A 498 9.69 8.95 -38.72
CA LEU A 498 9.85 8.15 -37.51
C LEU A 498 10.87 7.02 -37.66
N LEU A 499 11.36 6.82 -38.88
CA LEU A 499 12.31 5.75 -39.15
C LEU A 499 13.61 5.81 -38.35
N HIS A 500 14.04 7.01 -37.98
CA HIS A 500 15.28 7.12 -37.22
C HIS A 500 15.10 7.21 -35.70
N SER A 501 13.92 6.87 -35.21
CA SER A 501 13.66 6.92 -33.77
C SER A 501 14.53 5.92 -33.00
N ARG A 502 14.93 6.29 -31.78
CA ARG A 502 15.74 5.43 -30.91
C ARG A 502 14.87 4.30 -30.36
N ASN A 503 13.56 4.52 -30.37
CA ASN A 503 12.58 3.55 -29.89
C ASN A 503 12.38 2.47 -30.97
N GLU A 504 12.85 1.25 -30.70
CA GLU A 504 12.72 0.15 -31.65
C GLU A 504 11.30 -0.07 -32.15
N GLY A 505 10.34 0.02 -31.24
CA GLY A 505 8.96 -0.17 -31.62
C GLY A 505 8.54 0.86 -32.66
N VAL A 506 8.74 2.13 -32.35
CA VAL A 506 8.36 3.19 -33.28
C VAL A 506 9.02 2.98 -34.64
N ALA A 507 10.32 2.71 -34.65
CA ALA A 507 11.05 2.49 -35.90
C ALA A 507 10.57 1.28 -36.68
N THR A 508 10.30 0.19 -35.98
CA THR A 508 9.84 -1.04 -36.64
C THR A 508 8.43 -0.94 -37.19
N TYR A 509 7.50 -0.45 -36.38
CA TYR A 509 6.12 -0.32 -36.83
C TYR A 509 6.02 0.65 -38.00
N ALA A 510 6.71 1.78 -37.89
CA ALA A 510 6.70 2.76 -38.96
C ALA A 510 7.24 2.16 -40.25
N ALA A 511 8.37 1.46 -40.16
CA ALA A 511 8.95 0.84 -41.35
C ALA A 511 7.97 -0.18 -41.93
N ALA A 512 7.36 -0.99 -41.06
CA ALA A 512 6.40 -2.00 -41.50
C ALA A 512 5.22 -1.39 -42.26
N VAL A 513 4.65 -0.31 -41.76
CA VAL A 513 3.52 0.30 -42.46
C VAL A 513 3.95 0.72 -43.88
N LEU A 514 5.15 1.29 -44.00
CA LEU A 514 5.66 1.72 -45.28
C LEU A 514 5.84 0.52 -46.23
N PHE A 515 6.40 -0.58 -45.74
CA PHE A 515 6.57 -1.77 -46.58
C PHE A 515 5.20 -2.32 -46.99
N ARG A 516 4.24 -2.28 -46.08
CA ARG A 516 2.90 -2.78 -46.36
C ARG A 516 2.11 -1.88 -47.30
N MET A 517 2.35 -0.58 -47.25
CA MET A 517 1.62 0.32 -48.14
C MET A 517 2.09 0.16 -49.57
N SER A 518 3.38 -0.03 -49.76
CA SER A 518 3.93 -0.15 -51.10
C SER A 518 3.85 -1.55 -51.71
N GLU A 519 3.88 -2.58 -50.88
CA GLU A 519 3.82 -3.95 -51.40
C GLU A 519 2.51 -4.25 -52.14
N GLY B 1 24.95 -5.42 -48.95
CA GLY B 1 24.10 -4.50 -49.79
C GLY B 1 24.92 -3.72 -50.80
N LYS B 2 24.90 -4.18 -52.06
CA LYS B 2 25.67 -3.52 -53.11
C LYS B 2 24.82 -2.70 -54.07
N SER B 3 23.61 -2.35 -53.64
CA SER B 3 22.70 -1.55 -54.47
C SER B 3 21.50 -1.13 -53.65
N PRO B 4 20.76 -0.11 -54.12
CA PRO B 4 19.58 0.35 -53.40
C PRO B 4 18.59 -0.82 -53.23
N GLU B 5 18.51 -1.65 -54.27
CA GLU B 5 17.61 -2.80 -54.26
C GLU B 5 17.99 -3.81 -53.18
N GLU B 6 19.27 -4.17 -53.12
CA GLU B 6 19.71 -5.13 -52.12
C GLU B 6 19.59 -4.54 -50.71
N MET B 7 19.71 -3.22 -50.61
CA MET B 7 19.62 -2.55 -49.33
C MET B 7 18.17 -2.62 -48.84
N TYR B 8 17.25 -2.35 -49.75
CA TYR B 8 15.82 -2.39 -49.45
C TYR B 8 15.46 -3.79 -48.90
N ILE B 9 15.87 -4.81 -49.63
CA ILE B 9 15.61 -6.20 -49.27
C ILE B 9 16.16 -6.58 -47.90
N GLN B 10 17.39 -6.17 -47.61
CA GLN B 10 18.01 -6.50 -46.33
C GLN B 10 17.31 -5.85 -45.14
N GLN B 11 16.85 -4.63 -45.32
CA GLN B 11 16.17 -3.92 -44.24
C GLN B 11 14.76 -4.42 -44.06
N LYS B 12 14.12 -4.80 -45.15
CA LYS B 12 12.76 -5.32 -45.09
C LYS B 12 12.76 -6.63 -44.30
N VAL B 13 13.78 -7.46 -44.53
CA VAL B 13 13.89 -8.72 -43.82
C VAL B 13 14.05 -8.42 -42.34
N ARG B 14 14.96 -7.51 -42.03
CA ARG B 14 15.20 -7.12 -40.64
C ARG B 14 13.95 -6.60 -39.94
N VAL B 15 13.17 -5.75 -40.62
CA VAL B 15 11.95 -5.20 -40.06
C VAL B 15 10.89 -6.28 -39.82
N LEU B 16 10.70 -7.17 -40.80
CA LEU B 16 9.72 -8.24 -40.67
C LEU B 16 10.05 -9.20 -39.53
N LEU B 17 11.34 -9.54 -39.39
CA LEU B 17 11.74 -10.44 -38.31
C LEU B 17 11.52 -9.78 -36.96
N MET B 18 11.79 -8.49 -36.88
CA MET B 18 11.59 -7.78 -35.61
C MET B 18 10.10 -7.65 -35.31
N LEU B 19 9.31 -7.45 -36.37
CA LEU B 19 7.86 -7.32 -36.25
C LEU B 19 7.28 -8.58 -35.64
N ARG B 20 7.70 -9.73 -36.17
CA ARG B 20 7.22 -11.01 -35.69
C ARG B 20 7.70 -11.22 -34.24
N LYS B 21 8.94 -10.81 -33.96
CA LYS B 21 9.50 -10.95 -32.63
C LYS B 21 8.70 -10.11 -31.64
N MET B 22 8.18 -8.97 -32.08
CA MET B 22 7.38 -8.12 -31.20
C MET B 22 5.95 -8.64 -31.06
N GLY B 23 5.66 -9.77 -31.68
CA GLY B 23 4.32 -10.35 -31.54
C GLY B 23 3.22 -10.01 -32.53
N SER B 24 3.56 -9.42 -33.67
CA SER B 24 2.54 -9.09 -34.67
C SER B 24 2.59 -10.13 -35.78
N ASN B 25 1.44 -10.40 -36.38
CA ASN B 25 1.37 -11.37 -37.47
C ASN B 25 1.89 -10.74 -38.76
N LEU B 26 2.54 -11.56 -39.57
CA LEU B 26 3.04 -11.12 -40.86
C LEU B 26 1.99 -11.51 -41.90
N THR B 27 1.99 -10.85 -43.04
CA THR B 27 1.04 -11.18 -44.09
C THR B 27 1.56 -12.35 -44.91
N ALA B 28 0.70 -12.91 -45.76
CA ALA B 28 1.10 -14.03 -46.60
C ALA B 28 2.24 -13.59 -47.52
N SER B 29 2.11 -12.42 -48.12
CA SER B 29 3.14 -11.88 -49.02
C SER B 29 4.47 -11.77 -48.29
N GLU B 30 4.43 -11.29 -47.05
CA GLU B 30 5.63 -11.12 -46.27
C GLU B 30 6.22 -12.49 -45.95
N GLU B 31 5.34 -13.46 -45.74
CA GLU B 31 5.74 -14.81 -45.44
C GLU B 31 6.51 -15.38 -46.62
N GLU B 32 5.97 -15.17 -47.82
CA GLU B 32 6.60 -15.63 -49.04
C GLU B 32 7.92 -14.90 -49.26
N PHE B 33 7.91 -13.59 -48.98
CA PHE B 33 9.10 -12.76 -49.13
C PHE B 33 10.25 -13.31 -48.28
N LEU B 34 9.94 -13.69 -47.04
CA LEU B 34 10.95 -14.22 -46.14
C LEU B 34 11.53 -15.55 -46.65
N ARG B 35 10.73 -16.28 -47.42
CA ARG B 35 11.17 -17.55 -47.98
C ARG B 35 12.08 -17.25 -49.15
N THR B 36 11.57 -16.46 -50.09
CA THR B 36 12.32 -16.06 -51.26
C THR B 36 13.73 -15.59 -50.88
N TYR B 37 13.83 -14.90 -49.76
CA TYR B 37 15.12 -14.40 -49.30
C TYR B 37 15.56 -15.07 -48.00
N ALA B 38 15.38 -16.38 -47.95
CA ALA B 38 15.76 -17.15 -46.76
C ALA B 38 17.25 -16.93 -46.50
N GLY B 39 18.02 -16.80 -47.57
CA GLY B 39 19.45 -16.57 -47.43
C GLY B 39 19.71 -15.38 -46.54
N VAL B 40 19.16 -14.22 -46.93
CA VAL B 40 19.32 -12.99 -46.15
C VAL B 40 18.85 -13.23 -44.73
N VAL B 41 17.71 -13.90 -44.60
CA VAL B 41 17.13 -14.20 -43.29
C VAL B 41 18.19 -14.87 -42.44
N ASN B 42 18.70 -15.99 -42.93
CA ASN B 42 19.73 -16.76 -42.23
C ASN B 42 20.99 -15.94 -41.91
N SER B 43 21.35 -15.02 -42.80
CA SER B 43 22.53 -14.19 -42.57
C SER B 43 22.42 -13.44 -41.25
N GLN B 44 21.61 -12.38 -41.23
CA GLN B 44 21.42 -11.57 -40.04
C GLN B 44 20.82 -12.35 -38.87
N LEU B 45 20.27 -13.53 -39.15
CA LEU B 45 19.67 -14.35 -38.12
C LEU B 45 20.72 -15.26 -37.49
N SER B 46 21.86 -15.38 -38.16
CA SER B 46 22.96 -16.21 -37.67
C SER B 46 24.09 -15.31 -37.21
N ASP C 1 3.20 0.87 -20.25
CA ASP C 1 2.18 0.67 -19.19
C ASP C 1 2.72 -0.25 -18.08
N ALA C 2 3.60 0.28 -17.25
CA ALA C 2 4.18 -0.50 -16.16
C ALA C 2 3.19 -0.55 -15.01
N ASP C 3 3.44 -1.43 -14.04
CA ASP C 3 2.55 -1.55 -12.89
C ASP C 3 2.71 -0.33 -11.99
N THR C 4 1.61 0.14 -11.41
CA THR C 4 1.64 1.32 -10.56
C THR C 4 1.32 1.08 -9.08
N LEU C 5 1.82 1.98 -8.24
CA LEU C 5 1.62 1.92 -6.79
C LEU C 5 0.55 2.88 -6.29
N LEU C 6 -0.15 2.49 -5.24
CA LEU C 6 -1.17 3.32 -4.61
C LEU C 6 -0.58 3.68 -3.25
N HIS C 7 -0.51 4.97 -2.96
CA HIS C 7 0.07 5.44 -1.70
C HIS C 7 -0.99 5.74 -0.65
N PHE C 8 -0.93 4.98 0.44
CA PHE C 8 -1.87 5.14 1.54
C PHE C 8 -1.14 5.57 2.80
N ALA C 9 -1.83 6.33 3.64
CA ALA C 9 -1.26 6.81 4.89
C ALA C 9 -2.36 7.01 5.91
N THR C 10 -2.86 5.90 6.45
CA THR C 10 -3.91 5.94 7.46
C THR C 10 -3.24 5.83 8.84
N GLU C 11 -3.08 6.96 9.53
CA GLU C 11 -2.45 6.96 10.85
C GLU C 11 -3.45 6.73 11.98
N SER C 12 -4.72 7.00 11.69
CA SER C 12 -5.77 6.80 12.68
C SER C 12 -6.89 6.00 12.04
N THR C 13 -7.89 6.71 11.51
CA THR C 13 -9.03 6.08 10.87
C THR C 13 -9.41 6.85 9.61
N PRO C 14 -9.37 6.19 8.44
CA PRO C 14 -9.72 6.87 7.19
C PRO C 14 -11.14 7.44 7.26
N ASP C 15 -11.30 8.65 6.74
CA ASP C 15 -12.60 9.30 6.75
C ASP C 15 -12.53 10.58 5.92
#